data_6U69
#
_entry.id   6U69
#
_cell.length_a   91.771
_cell.length_b   91.771
_cell.length_c   119.830
_cell.angle_alpha   90.000
_cell.angle_beta   90.000
_cell.angle_gamma   120.000
#
_symmetry.space_group_name_H-M   'H 3'
#
loop_
_entity.id
_entity.type
_entity.pdbx_description
1 polymer 'Serine/threonine protein kinase'
2 non-polymer 'SULFATE ION'
3 non-polymer GLYCEROL
4 non-polymer 'CHLORIDE ION'
5 water water
#
_entity_poly.entity_id   1
_entity_poly.type   'polypeptide(L)'
_entity_poly.pdbx_seq_one_letter_code
;SSVVGLHYKIGKKIGEGSFGVIFEGTNIINGVPVAIKFEPRKTEAPQLRDEYRTYKHLQGCDGIPNAYYFGQEGLHNILV
IDLLGPSLEDLFDWCGRRFSVKTVVQVAIQMLTLVEEVHRHDLIYRDIKPDNFLIGRRGATDENNVHLIDFGMAKQYRDP
RTKQHIPYREKKSLSGTARYMSINTHLGREQSRRDDLEALGHVFFYFLRGQLPWQGLKAPTNKQKYEKIGDKKRTTPAVT
LCDGLPQQFAEYLDSVRSLPFDAEPPYEEYRMLLLSVLDDLGQACDGDMDWMHLNGGRGWDATINKKPN
;
_entity_poly.pdbx_strand_id   A
#
# COMPACT_ATOMS: atom_id res chain seq x y z
N SER A 1 10.76 27.30 -16.69
CA SER A 1 12.09 26.79 -16.40
C SER A 1 12.04 25.31 -16.02
N SER A 2 13.02 24.56 -16.50
CA SER A 2 12.99 23.10 -16.36
C SER A 2 13.12 22.63 -14.93
N VAL A 3 13.70 23.44 -14.03
CA VAL A 3 14.16 22.98 -12.73
C VAL A 3 13.28 23.57 -11.64
N VAL A 4 12.84 22.71 -10.71
CA VAL A 4 12.16 23.13 -9.50
C VAL A 4 12.99 22.65 -8.31
N GLY A 5 12.67 23.19 -7.14
CA GLY A 5 13.38 22.82 -5.92
C GLY A 5 14.87 23.03 -5.99
N LEU A 6 15.32 23.97 -6.83
CA LEU A 6 16.73 24.32 -7.03
C LEU A 6 17.51 23.23 -7.75
N HIS A 7 17.20 21.95 -7.52
CA HIS A 7 18.07 20.87 -7.97
C HIS A 7 17.39 19.77 -8.76
N TYR A 8 16.09 19.86 -9.01
CA TYR A 8 15.32 18.74 -9.57
C TYR A 8 14.72 19.14 -10.90
N LYS A 9 15.28 18.58 -11.98
CA LYS A 9 14.79 18.82 -13.32
C LYS A 9 13.66 17.86 -13.66
N ILE A 10 12.64 18.37 -14.34
CA ILE A 10 11.42 17.61 -14.58
C ILE A 10 11.54 16.85 -15.89
N GLY A 11 11.29 15.54 -15.84
CA GLY A 11 11.31 14.71 -17.02
C GLY A 11 9.93 14.25 -17.46
N LYS A 12 9.81 12.97 -17.81
CA LYS A 12 8.56 12.45 -18.30
C LYS A 12 7.49 12.41 -17.20
N LYS A 13 6.23 12.53 -17.61
CA LYS A 13 5.09 12.43 -16.71
C LYS A 13 4.69 10.98 -16.54
N ILE A 14 4.47 10.56 -15.29
CA ILE A 14 4.10 9.19 -14.97
C ILE A 14 2.72 9.07 -14.37
N GLY A 15 1.97 10.17 -14.26
CA GLY A 15 0.64 10.11 -13.71
C GLY A 15 -0.05 11.44 -13.77
N GLU A 16 -1.33 11.45 -14.12
CA GLU A 16 -2.10 12.68 -14.16
C GLU A 16 -3.53 12.40 -13.74
N GLY A 17 -4.23 13.49 -13.39
CA GLY A 17 -5.54 13.41 -12.79
C GLY A 17 -5.61 14.24 -11.52
N SER A 18 -6.25 13.68 -10.49
CA SER A 18 -6.50 14.44 -9.27
C SER A 18 -5.21 14.73 -8.50
N PHE A 19 -4.20 13.88 -8.62
CA PHE A 19 -2.93 14.08 -7.92
C PHE A 19 -2.10 15.17 -8.59
N GLY A 20 -2.74 16.31 -8.90
CA GLY A 20 -2.11 17.32 -9.72
C GLY A 20 -1.47 16.69 -10.93
N VAL A 21 -0.13 16.61 -10.91
CA VAL A 21 0.64 15.79 -11.84
C VAL A 21 1.80 15.18 -11.07
N ILE A 22 2.18 13.97 -11.47
CA ILE A 22 3.39 13.32 -10.98
C ILE A 22 4.33 13.13 -12.16
N PHE A 23 5.59 13.51 -11.99
CA PHE A 23 6.59 13.44 -13.05
C PHE A 23 7.76 12.55 -12.65
N GLU A 24 8.50 12.11 -13.66
CA GLU A 24 9.86 11.64 -13.46
C GLU A 24 10.78 12.85 -13.37
N GLY A 25 11.87 12.69 -12.60
CA GLY A 25 12.83 13.76 -12.46
C GLY A 25 14.20 13.21 -12.15
N THR A 26 15.19 14.09 -12.23
CA THR A 26 16.56 13.76 -11.84
C THR A 26 17.15 14.91 -11.03
N ASN A 27 17.89 14.54 -9.99
CA ASN A 27 18.66 15.51 -9.23
C ASN A 27 19.83 16.01 -10.09
N ILE A 28 19.89 17.32 -10.32
CA ILE A 28 20.93 17.87 -11.20
C ILE A 28 22.28 17.98 -10.51
N ILE A 29 22.39 17.55 -9.26
CA ILE A 29 23.69 17.49 -8.59
C ILE A 29 24.35 16.13 -8.76
N ASN A 30 23.56 15.06 -8.65
CA ASN A 30 24.10 13.70 -8.65
C ASN A 30 23.45 12.77 -9.67
N GLY A 31 22.38 13.18 -10.34
CA GLY A 31 21.77 12.38 -11.37
C GLY A 31 20.78 11.32 -10.89
N VAL A 32 20.57 11.19 -9.59
CA VAL A 32 19.68 10.14 -9.09
C VAL A 32 18.25 10.43 -9.51
N PRO A 33 17.44 9.41 -9.80
CA PRO A 33 16.07 9.66 -10.26
C PRO A 33 15.14 9.96 -9.11
N VAL A 34 14.21 10.89 -9.36
CA VAL A 34 13.23 11.31 -8.37
C VAL A 34 11.85 11.36 -9.03
N ALA A 35 10.83 11.34 -8.19
CA ALA A 35 9.46 11.57 -8.64
C ALA A 35 9.00 12.92 -8.11
N ILE A 36 8.44 13.74 -9.00
CA ILE A 36 8.06 15.11 -8.70
C ILE A 36 6.54 15.17 -8.64
N LYS A 37 6.00 15.35 -7.44
CA LYS A 37 4.56 15.39 -7.21
C LYS A 37 4.10 16.84 -7.18
N PHE A 38 3.49 17.29 -8.28
CA PHE A 38 2.91 18.63 -8.32
C PHE A 38 1.49 18.60 -7.75
N GLU A 39 1.08 19.71 -7.15
CA GLU A 39 -0.25 19.84 -6.60
C GLU A 39 -0.69 21.29 -6.79
N PRO A 40 -1.85 21.52 -7.39
CA PRO A 40 -2.33 22.90 -7.53
C PRO A 40 -2.46 23.57 -6.17
N ARG A 41 -1.83 24.74 -6.04
CA ARG A 41 -1.74 25.46 -4.77
C ARG A 41 -3.06 25.78 -4.09
N LYS A 42 -3.88 26.62 -4.72
CA LYS A 42 -5.19 26.97 -4.18
C LYS A 42 -6.17 25.91 -4.65
N THR A 43 -6.38 24.87 -3.85
CA THR A 43 -7.35 23.84 -4.19
C THR A 43 -8.08 23.40 -2.93
N GLU A 44 -9.22 22.74 -3.14
CA GLU A 44 -10.12 22.38 -2.05
C GLU A 44 -9.63 21.19 -1.23
N ALA A 45 -8.68 20.41 -1.74
CA ALA A 45 -8.13 19.25 -1.04
C ALA A 45 -6.62 19.40 -0.92
N PRO A 46 -6.13 20.30 -0.07
CA PRO A 46 -4.69 20.43 0.15
C PRO A 46 -4.18 19.29 1.03
N GLN A 47 -3.21 18.54 0.51
CA GLN A 47 -2.76 17.32 1.17
C GLN A 47 -1.27 17.05 1.06
N LEU A 48 -0.54 17.75 0.19
CA LEU A 48 0.83 17.34 -0.09
C LEU A 48 1.76 17.68 1.07
N ARG A 49 1.64 18.89 1.61
CA ARG A 49 2.57 19.33 2.64
C ARG A 49 2.58 18.37 3.82
N ASP A 50 1.41 17.86 4.20
CA ASP A 50 1.35 16.88 5.28
C ASP A 50 1.91 15.53 4.84
N GLU A 51 1.81 15.19 3.56
CA GLU A 51 2.46 13.99 3.07
C GLU A 51 3.97 14.12 3.11
N TYR A 52 4.50 15.35 2.95
CA TYR A 52 5.93 15.55 3.07
C TYR A 52 6.40 15.37 4.51
N ARG A 53 5.60 15.87 5.45
CA ARG A 53 5.91 15.73 6.87
C ARG A 53 5.92 14.27 7.27
N THR A 54 4.93 13.52 6.79
CA THR A 54 4.84 12.09 7.10
C THR A 54 6.08 11.35 6.62
N TYR A 55 6.56 11.66 5.41
CA TYR A 55 7.80 11.06 4.93
C TYR A 55 8.97 11.42 5.83
N LYS A 56 8.98 12.64 6.38
CA LYS A 56 10.08 13.06 7.24
C LYS A 56 10.04 12.33 8.59
N HIS A 57 8.84 12.10 9.13
CA HIS A 57 8.73 11.33 10.37
C HIS A 57 9.16 9.89 10.15
N LEU A 58 8.75 9.28 9.04
CA LEU A 58 9.15 7.93 8.69
C LEU A 58 10.50 7.87 8.00
N GLN A 59 11.27 8.96 8.02
CA GLN A 59 12.55 9.01 7.33
C GLN A 59 13.49 7.92 7.84
N GLY A 60 14.28 7.37 6.92
CA GLY A 60 15.26 6.36 7.26
C GLY A 60 14.73 4.95 7.38
N CYS A 61 13.43 4.77 7.55
CA CYS A 61 12.87 3.44 7.66
C CYS A 61 12.93 2.73 6.31
N ASP A 62 13.38 1.47 6.32
CA ASP A 62 13.59 0.74 5.07
C ASP A 62 12.26 0.43 4.41
N GLY A 63 12.19 0.70 3.11
CA GLY A 63 10.96 0.54 2.35
C GLY A 63 10.20 1.82 2.12
N ILE A 64 10.49 2.87 2.89
CA ILE A 64 9.84 4.17 2.75
C ILE A 64 10.77 5.06 1.93
N PRO A 65 10.32 5.64 0.83
CA PRO A 65 11.18 6.53 0.05
C PRO A 65 11.54 7.79 0.84
N ASN A 66 12.67 8.39 0.45
CA ASN A 66 13.09 9.66 1.04
C ASN A 66 12.32 10.81 0.44
N ALA A 67 12.08 11.83 1.26
CA ALA A 67 11.53 13.10 0.81
C ALA A 67 12.66 14.12 0.75
N TYR A 68 12.94 14.63 -0.44
CA TYR A 68 14.10 15.50 -0.64
C TYR A 68 13.77 16.98 -0.59
N TYR A 69 12.54 17.37 -0.91
CA TYR A 69 12.23 18.79 -0.99
C TYR A 69 10.72 19.01 -0.94
N PHE A 70 10.33 20.14 -0.36
CA PHE A 70 8.97 20.65 -0.45
C PHE A 70 9.03 22.17 -0.40
N GLY A 71 8.23 22.83 -1.24
CA GLY A 71 8.19 24.27 -1.25
C GLY A 71 7.18 24.77 -2.27
N GLN A 72 7.12 26.09 -2.39
CA GLN A 72 6.22 26.75 -3.32
C GLN A 72 6.98 27.17 -4.58
N GLU A 73 6.32 27.03 -5.72
CA GLU A 73 6.89 27.45 -7.00
C GLU A 73 5.74 27.67 -7.96
N GLY A 74 5.61 28.88 -8.49
CA GLY A 74 4.42 29.23 -9.25
C GLY A 74 3.20 29.15 -8.36
N LEU A 75 2.12 28.60 -8.90
CA LEU A 75 0.92 28.30 -8.12
C LEU A 75 0.75 26.79 -7.95
N HIS A 76 1.87 26.10 -7.72
CA HIS A 76 1.89 24.66 -7.47
C HIS A 76 2.74 24.38 -6.23
N ASN A 77 2.45 23.27 -5.57
CA ASN A 77 3.24 22.78 -4.46
C ASN A 77 3.90 21.47 -4.86
N ILE A 78 5.19 21.34 -4.55
CA ILE A 78 6.02 20.25 -5.07
C ILE A 78 6.52 19.39 -3.92
N LEU A 79 6.49 18.07 -4.11
CA LEU A 79 7.16 17.14 -3.23
C LEU A 79 8.05 16.25 -4.08
N VAL A 80 9.35 16.30 -3.83
CA VAL A 80 10.32 15.49 -4.56
C VAL A 80 10.73 14.32 -3.68
N ILE A 81 10.60 13.11 -4.22
CA ILE A 81 10.87 11.87 -3.48
C ILE A 81 11.59 10.90 -4.41
N ASP A 82 12.06 9.80 -3.82
CA ASP A 82 12.72 8.76 -4.61
C ASP A 82 11.78 8.17 -5.64
N LEU A 83 12.19 8.18 -6.91
CA LEU A 83 11.44 7.47 -7.93
C LEU A 83 11.63 5.96 -7.74
N LEU A 84 10.53 5.23 -7.80
CA LEU A 84 10.55 3.78 -7.60
C LEU A 84 9.93 3.07 -8.81
N GLY A 85 9.78 1.76 -8.70
CA GLY A 85 9.30 0.94 -9.80
C GLY A 85 7.79 0.81 -9.82
N PRO A 86 7.30 -0.22 -10.51
CA PRO A 86 5.85 -0.40 -10.64
C PRO A 86 5.21 -0.84 -9.33
N SER A 87 3.90 -0.66 -9.27
CA SER A 87 3.14 -1.09 -8.11
C SER A 87 2.94 -2.60 -8.14
N LEU A 88 2.47 -3.14 -7.01
CA LEU A 88 2.09 -4.55 -6.98
C LEU A 88 0.89 -4.81 -7.87
N GLU A 89 0.04 -3.81 -8.08
CA GLU A 89 -1.06 -3.96 -9.03
C GLU A 89 -0.55 -4.08 -10.46
N ASP A 90 0.49 -3.32 -10.80
CA ASP A 90 1.07 -3.44 -12.14
C ASP A 90 1.64 -4.82 -12.37
N LEU A 91 2.51 -5.28 -11.45
CA LEU A 91 3.11 -6.60 -11.58
C LEU A 91 2.05 -7.70 -11.51
N PHE A 92 0.99 -7.49 -10.73
CA PHE A 92 -0.13 -8.41 -10.71
C PHE A 92 -0.70 -8.61 -12.11
N ASP A 93 -1.01 -7.51 -12.80
CA ASP A 93 -1.54 -7.59 -14.16
C ASP A 93 -0.57 -8.34 -15.08
N TRP A 94 0.72 -7.96 -15.04
CA TRP A 94 1.70 -8.55 -15.93
C TRP A 94 1.91 -10.03 -15.65
N CYS A 95 1.71 -10.45 -14.40
CA CYS A 95 1.78 -11.85 -14.02
C CYS A 95 0.46 -12.57 -14.23
N GLY A 96 -0.40 -12.05 -15.12
CA GLY A 96 -1.66 -12.71 -15.40
C GLY A 96 -2.71 -12.57 -14.32
N ARG A 97 -2.63 -11.50 -13.52
CA ARG A 97 -3.58 -11.25 -12.44
C ARG A 97 -3.65 -12.42 -11.46
N ARG A 98 -2.47 -12.89 -11.07
CA ARG A 98 -2.35 -13.89 -10.01
C ARG A 98 -0.89 -14.04 -9.57
N PHE A 99 -0.65 -13.96 -8.27
CA PHE A 99 0.64 -14.26 -7.69
C PHE A 99 0.59 -15.66 -7.08
N SER A 100 1.69 -16.39 -7.20
CA SER A 100 1.73 -17.73 -6.63
C SER A 100 2.01 -17.65 -5.13
N VAL A 101 1.79 -18.78 -4.43
CA VAL A 101 1.80 -18.77 -2.98
C VAL A 101 3.13 -18.27 -2.43
N LYS A 102 4.23 -18.67 -3.07
CA LYS A 102 5.55 -18.24 -2.60
C LYS A 102 5.69 -16.73 -2.69
N THR A 103 5.28 -16.14 -3.82
CA THR A 103 5.40 -14.70 -3.98
C THR A 103 4.50 -13.95 -3.00
N VAL A 104 3.29 -14.46 -2.77
CA VAL A 104 2.36 -13.79 -1.87
C VAL A 104 2.91 -13.78 -0.44
N VAL A 105 3.43 -14.92 0.02
CA VAL A 105 3.99 -15.00 1.36
C VAL A 105 5.14 -14.01 1.52
N GLN A 106 6.09 -14.04 0.58
CA GLN A 106 7.23 -13.14 0.67
C GLN A 106 6.80 -11.68 0.62
N VAL A 107 5.86 -11.36 -0.28
CA VAL A 107 5.37 -9.99 -0.36
C VAL A 107 4.59 -9.61 0.89
N ALA A 108 3.88 -10.58 1.47
CA ALA A 108 3.03 -10.29 2.63
C ALA A 108 3.85 -9.87 3.84
N ILE A 109 4.91 -10.61 4.15
CA ILE A 109 5.69 -10.32 5.35
C ILE A 109 6.40 -8.98 5.23
N GLN A 110 6.77 -8.57 4.01
CA GLN A 110 7.33 -7.24 3.82
C GLN A 110 6.26 -6.17 3.98
N MET A 111 5.03 -6.47 3.54
CA MET A 111 3.93 -5.54 3.77
C MET A 111 3.57 -5.48 5.26
N LEU A 112 3.62 -6.62 5.94
CA LEU A 112 3.42 -6.62 7.39
C LEU A 112 4.52 -5.82 8.10
N THR A 113 5.76 -5.93 7.59
CA THR A 113 6.87 -5.18 8.20
C THR A 113 6.74 -3.69 7.94
N LEU A 114 6.41 -3.31 6.70
CA LEU A 114 6.23 -1.89 6.38
C LEU A 114 5.14 -1.27 7.24
N VAL A 115 3.95 -1.89 7.27
CA VAL A 115 2.83 -1.34 8.03
C VAL A 115 3.17 -1.32 9.52
N GLU A 116 3.89 -2.33 10.00
CA GLU A 116 4.30 -2.32 11.41
C GLU A 116 5.13 -1.09 11.74
N GLU A 117 6.20 -0.86 10.97
CA GLU A 117 7.05 0.31 11.20
C GLU A 117 6.24 1.60 11.12
N VAL A 118 5.27 1.66 10.21
CA VAL A 118 4.36 2.80 10.16
C VAL A 118 3.63 2.96 11.48
N HIS A 119 3.09 1.86 12.01
CA HIS A 119 2.41 1.89 13.30
C HIS A 119 3.36 2.32 14.41
N ARG A 120 4.62 1.90 14.33
CA ARG A 120 5.60 2.26 15.34
C ARG A 120 5.80 3.77 15.41
N HIS A 121 5.60 4.46 14.29
CA HIS A 121 5.68 5.92 14.24
C HIS A 121 4.32 6.58 14.48
N ASP A 122 3.43 5.91 15.23
CA ASP A 122 2.21 6.47 15.78
C ASP A 122 1.15 6.79 14.73
N LEU A 123 1.25 6.24 13.53
CA LEU A 123 0.28 6.50 12.47
C LEU A 123 -0.28 5.21 11.91
N ILE A 124 -1.55 5.26 11.53
CA ILE A 124 -2.18 4.18 10.77
C ILE A 124 -2.32 4.65 9.32
N TYR A 125 -2.19 3.70 8.39
CA TYR A 125 -2.09 4.03 6.97
C TYR A 125 -3.45 4.40 6.38
N ARG A 126 -4.43 3.51 6.52
CA ARG A 126 -5.83 3.72 6.17
C ARG A 126 -6.09 3.81 4.67
N ASP A 127 -5.13 3.46 3.83
CA ASP A 127 -5.33 3.43 2.38
C ASP A 127 -4.61 2.22 1.78
N ILE A 128 -4.69 1.08 2.47
CA ILE A 128 -4.00 -0.12 2.02
C ILE A 128 -4.59 -0.61 0.72
N LYS A 129 -3.73 -0.78 -0.29
CA LYS A 129 -4.10 -1.27 -1.61
C LYS A 129 -2.83 -1.67 -2.35
N PRO A 130 -2.90 -2.58 -3.31
CA PRO A 130 -1.67 -2.97 -4.03
C PRO A 130 -1.08 -1.86 -4.88
N ASP A 131 -1.86 -0.84 -5.23
CA ASP A 131 -1.35 0.24 -6.08
C ASP A 131 -0.38 1.15 -5.35
N ASN A 132 -0.34 1.10 -4.02
CA ASN A 132 0.54 1.94 -3.22
C ASN A 132 1.78 1.20 -2.72
N PHE A 133 1.98 -0.04 -3.17
CA PHE A 133 3.17 -0.82 -2.82
C PHE A 133 3.99 -1.01 -4.09
N LEU A 134 5.17 -0.40 -4.12
CA LEU A 134 6.02 -0.38 -5.29
C LEU A 134 7.30 -1.17 -5.06
N ILE A 135 7.84 -1.76 -6.13
CA ILE A 135 9.16 -2.38 -6.07
C ILE A 135 10.19 -1.31 -6.38
N GLY A 136 11.48 -1.65 -6.25
CA GLY A 136 12.56 -0.76 -6.61
C GLY A 136 12.76 -0.63 -8.12
N ARG A 137 13.96 -0.26 -8.57
CA ARG A 137 14.30 -0.04 -9.99
C ARG A 137 15.32 -1.09 -10.47
N ARG A 138 15.46 -1.30 -11.78
CA ARG A 138 16.40 -2.30 -12.29
C ARG A 138 17.83 -2.03 -11.83
N GLY A 139 18.52 -3.07 -11.36
CA GLY A 139 19.88 -2.92 -10.92
C GLY A 139 20.04 -2.39 -9.52
N ALA A 140 19.00 -1.82 -8.92
CA ALA A 140 19.11 -1.31 -7.56
C ALA A 140 19.20 -2.47 -6.58
N THR A 141 19.78 -2.17 -5.42
CA THR A 141 19.93 -3.19 -4.38
C THR A 141 18.59 -3.63 -3.82
N ASP A 142 17.59 -2.74 -3.85
CA ASP A 142 16.23 -3.03 -3.38
C ASP A 142 15.27 -3.17 -4.55
N GLU A 143 15.72 -3.81 -5.63
CA GLU A 143 14.96 -3.85 -6.87
C GLU A 143 13.60 -4.53 -6.68
N ASN A 144 13.61 -5.72 -6.08
CA ASN A 144 12.40 -6.51 -5.90
C ASN A 144 11.88 -6.45 -4.47
N ASN A 145 12.30 -5.47 -3.68
CA ASN A 145 11.76 -5.25 -2.35
C ASN A 145 10.53 -4.36 -2.40
N VAL A 146 9.61 -4.59 -1.47
CA VAL A 146 8.36 -3.84 -1.46
C VAL A 146 8.57 -2.50 -0.77
N HIS A 147 8.03 -1.45 -1.38
CA HIS A 147 8.04 -0.10 -0.80
C HIS A 147 6.61 0.34 -0.53
N LEU A 148 6.47 1.43 0.21
CA LEU A 148 5.16 2.00 0.53
C LEU A 148 5.19 3.50 0.28
N ILE A 149 4.32 3.95 -0.63
CA ILE A 149 4.23 5.36 -1.00
C ILE A 149 2.82 5.86 -0.69
N ASP A 150 2.59 7.16 -0.92
CA ASP A 150 1.27 7.77 -0.77
C ASP A 150 0.77 7.70 0.66
N PHE A 151 0.93 8.79 1.42
CA PHE A 151 0.51 8.84 2.81
C PHE A 151 -0.49 9.97 3.06
N GLY A 152 -1.31 10.26 2.06
CA GLY A 152 -2.28 11.33 2.20
C GLY A 152 -3.44 11.02 3.12
N MET A 153 -3.63 9.75 3.50
CA MET A 153 -4.69 9.36 4.41
C MET A 153 -4.16 8.86 5.74
N ALA A 154 -2.85 8.92 5.96
CA ALA A 154 -2.28 8.53 7.24
C ALA A 154 -2.78 9.46 8.35
N LYS A 155 -3.17 8.87 9.47
CA LYS A 155 -3.67 9.60 10.62
C LYS A 155 -2.93 9.13 11.87
N GLN A 156 -2.70 10.06 12.78
CA GLN A 156 -2.11 9.71 14.07
C GLN A 156 -3.14 8.96 14.91
N TYR A 157 -2.79 7.75 15.32
CA TYR A 157 -3.70 6.92 16.11
C TYR A 157 -3.36 6.89 17.60
N ARG A 158 -2.20 7.42 17.98
CA ARG A 158 -1.81 7.48 19.39
C ARG A 158 -0.88 8.66 19.58
N ASP A 159 -0.91 9.22 20.78
CA ASP A 159 -0.05 10.35 21.10
C ASP A 159 1.42 9.92 21.02
N PRO A 160 2.29 10.66 20.34
CA PRO A 160 3.67 10.20 20.17
C PRO A 160 4.45 10.10 21.47
N ARG A 161 4.11 10.90 22.47
CA ARG A 161 4.84 10.89 23.74
C ARG A 161 4.19 10.01 24.79
N THR A 162 2.87 10.11 24.96
CA THR A 162 2.17 9.31 25.97
C THR A 162 1.75 7.94 25.46
N LYS A 163 1.79 7.70 24.14
CA LYS A 163 1.46 6.41 23.55
C LYS A 163 0.03 5.98 23.85
N GLN A 164 -0.88 6.95 23.96
CA GLN A 164 -2.27 6.68 24.34
C GLN A 164 -3.16 6.68 23.11
N HIS A 165 -3.94 5.62 22.95
CA HIS A 165 -4.73 5.40 21.74
C HIS A 165 -5.85 6.43 21.61
N ILE A 166 -6.20 6.74 20.37
CA ILE A 166 -7.29 7.66 20.06
C ILE A 166 -8.60 7.05 20.54
N PRO A 167 -9.60 7.86 20.91
CA PRO A 167 -10.88 7.30 21.33
C PRO A 167 -11.58 6.59 20.17
N TYR A 168 -12.40 5.61 20.54
CA TYR A 168 -13.23 4.92 19.56
C TYR A 168 -14.47 5.75 19.26
N ARG A 169 -14.75 5.96 17.99
CA ARG A 169 -15.95 6.66 17.56
C ARG A 169 -16.53 5.95 16.35
N GLU A 170 -17.74 6.37 15.96
CA GLU A 170 -18.44 5.75 14.85
C GLU A 170 -19.01 6.80 13.91
N LYS A 171 -19.89 6.38 13.00
CA LYS A 171 -20.62 7.29 12.10
C LYS A 171 -19.67 8.15 11.28
N LYS A 172 -18.54 7.62 10.92
CA LYS A 172 -17.57 8.33 10.11
C LYS A 172 -17.84 8.04 8.66
N SER A 173 -17.41 8.93 7.77
CA SER A 173 -17.63 8.74 6.35
C SER A 173 -16.69 7.66 5.81
N LEU A 174 -17.19 6.91 4.82
CA LEU A 174 -16.44 5.77 4.30
C LEU A 174 -15.12 6.22 3.69
N SER A 175 -14.02 5.62 4.15
CA SER A 175 -12.66 6.05 3.83
C SER A 175 -11.94 4.96 3.07
N GLY A 176 -11.44 5.28 1.89
CA GLY A 176 -10.62 4.38 1.11
C GLY A 176 -11.34 3.78 -0.07
N THR A 177 -10.76 2.69 -0.58
CA THR A 177 -11.31 1.98 -1.73
C THR A 177 -12.02 0.72 -1.25
N ALA A 178 -13.23 0.51 -1.74
CA ALA A 178 -14.14 -0.49 -1.16
C ALA A 178 -13.64 -1.92 -1.32
N ARG A 179 -12.76 -2.19 -2.30
CA ARG A 179 -12.36 -3.57 -2.54
C ARG A 179 -11.52 -4.13 -1.40
N TYR A 180 -10.73 -3.29 -0.74
CA TYR A 180 -9.80 -3.76 0.29
C TYR A 180 -10.12 -3.27 1.69
N MET A 181 -10.97 -2.25 1.83
CA MET A 181 -11.22 -1.67 3.14
C MET A 181 -11.81 -2.70 4.09
N SER A 182 -11.50 -2.53 5.38
CA SER A 182 -11.95 -3.47 6.39
C SER A 182 -13.46 -3.37 6.59
N ILE A 183 -14.00 -4.33 7.34
CA ILE A 183 -15.44 -4.33 7.61
C ILE A 183 -15.81 -3.18 8.54
N ASN A 184 -14.95 -2.86 9.51
CA ASN A 184 -15.20 -1.73 10.39
C ASN A 184 -15.27 -0.43 9.61
N THR A 185 -14.49 -0.31 8.54
CA THR A 185 -14.55 0.90 7.72
C THR A 185 -15.88 1.02 6.99
N HIS A 186 -16.40 -0.11 6.48
CA HIS A 186 -17.72 -0.10 5.85
C HIS A 186 -18.78 0.38 6.82
N LEU A 187 -18.67 -0.01 8.09
CA LEU A 187 -19.65 0.37 9.11
C LEU A 187 -19.39 1.77 9.68
N GLY A 188 -18.49 2.54 9.07
CA GLY A 188 -18.27 3.91 9.50
C GLY A 188 -17.56 4.06 10.83
N ARG A 189 -16.77 3.08 11.25
CA ARG A 189 -16.12 3.11 12.53
C ARG A 189 -14.72 3.71 12.42
N GLU A 190 -14.25 4.30 13.51
CA GLU A 190 -12.90 4.82 13.57
C GLU A 190 -11.90 3.69 13.35
N GLN A 191 -10.96 3.90 12.43
CA GLN A 191 -9.99 2.87 12.10
C GLN A 191 -8.86 2.87 13.12
N SER A 192 -8.08 1.79 13.11
CA SER A 192 -6.96 1.60 14.01
C SER A 192 -5.94 0.70 13.32
N ARG A 193 -4.97 0.21 14.10
CA ARG A 193 -3.95 -0.67 13.53
C ARG A 193 -4.57 -1.92 12.92
N ARG A 194 -5.61 -2.47 13.57
CA ARG A 194 -6.23 -3.69 13.09
C ARG A 194 -6.77 -3.54 11.67
N ASP A 195 -7.26 -2.35 11.31
CA ASP A 195 -7.88 -2.18 10.00
C ASP A 195 -6.84 -2.17 8.89
N ASP A 196 -5.65 -1.62 9.15
CA ASP A 196 -4.55 -1.72 8.20
C ASP A 196 -4.19 -3.18 7.94
N LEU A 197 -4.29 -4.02 8.98
CA LEU A 197 -3.95 -5.43 8.83
C LEU A 197 -5.04 -6.20 8.08
N GLU A 198 -6.31 -5.95 8.43
CA GLU A 198 -7.41 -6.64 7.75
C GLU A 198 -7.41 -6.33 6.26
N ALA A 199 -7.13 -5.07 5.90
CA ALA A 199 -7.03 -4.71 4.49
C ALA A 199 -5.90 -5.46 3.80
N LEU A 200 -4.81 -5.76 4.52
CA LEU A 200 -3.74 -6.55 3.94
C LEU A 200 -4.20 -7.98 3.66
N GLY A 201 -4.96 -8.57 4.60
CA GLY A 201 -5.49 -9.91 4.37
C GLY A 201 -6.38 -9.97 3.14
N HIS A 202 -7.16 -8.91 2.91
CA HIS A 202 -7.95 -8.84 1.68
C HIS A 202 -7.05 -8.79 0.46
N VAL A 203 -5.98 -8.00 0.53
CA VAL A 203 -5.03 -7.92 -0.58
C VAL A 203 -4.37 -9.27 -0.80
N PHE A 204 -4.04 -9.98 0.27
CA PHE A 204 -3.39 -11.28 0.14
C PHE A 204 -4.28 -12.28 -0.60
N PHE A 205 -5.56 -12.33 -0.26
CA PHE A 205 -6.49 -13.18 -0.98
C PHE A 205 -6.69 -12.71 -2.42
N TYR A 206 -6.66 -11.39 -2.63
CA TYR A 206 -6.77 -10.85 -3.98
C TYR A 206 -5.61 -11.30 -4.85
N PHE A 207 -4.41 -11.39 -4.27
CA PHE A 207 -3.26 -11.91 -5.01
C PHE A 207 -3.38 -13.41 -5.24
N LEU A 208 -3.86 -14.14 -4.24
CA LEU A 208 -3.89 -15.61 -4.35
C LEU A 208 -4.98 -16.07 -5.30
N ARG A 209 -6.16 -15.44 -5.25
CA ARG A 209 -7.30 -15.89 -6.04
C ARG A 209 -7.42 -15.20 -7.39
N GLY A 210 -6.82 -14.02 -7.55
CA GLY A 210 -7.01 -13.22 -8.74
C GLY A 210 -8.22 -12.31 -8.70
N GLN A 211 -9.07 -12.45 -7.68
CA GLN A 211 -10.25 -11.61 -7.53
C GLN A 211 -10.79 -11.81 -6.12
N LEU A 212 -11.74 -10.96 -5.74
CA LEU A 212 -12.47 -11.11 -4.49
C LEU A 212 -13.95 -11.25 -4.80
N PRO A 213 -14.66 -12.06 -4.01
CA PRO A 213 -16.08 -12.33 -4.32
C PRO A 213 -16.98 -11.10 -4.24
N TRP A 214 -16.52 -10.00 -3.66
CA TRP A 214 -17.29 -8.76 -3.61
C TRP A 214 -16.90 -7.80 -4.72
N GLN A 215 -16.13 -8.24 -5.70
CA GLN A 215 -15.87 -7.43 -6.88
C GLN A 215 -17.02 -7.55 -7.88
N GLY A 216 -17.11 -6.58 -8.77
CA GLY A 216 -18.12 -6.61 -9.81
C GLY A 216 -19.55 -6.58 -9.32
N LEU A 217 -19.77 -6.14 -8.08
CA LEU A 217 -21.13 -6.02 -7.57
C LEU A 217 -21.78 -4.76 -8.13
N LYS A 218 -23.10 -4.81 -8.24
CA LYS A 218 -23.88 -3.72 -8.83
C LYS A 218 -24.83 -3.13 -7.81
N ALA A 219 -25.10 -1.83 -7.96
CA ALA A 219 -26.04 -1.10 -7.11
C ALA A 219 -26.38 0.23 -7.76
N PRO A 220 -27.55 0.81 -7.46
CA PRO A 220 -27.91 2.10 -8.07
C PRO A 220 -26.97 3.24 -7.73
N THR A 221 -26.43 3.27 -6.52
CA THR A 221 -25.56 4.35 -6.08
C THR A 221 -24.25 3.77 -5.53
N ASN A 222 -23.32 4.66 -5.19
CA ASN A 222 -22.06 4.23 -4.59
C ASN A 222 -22.23 3.89 -3.11
N LYS A 223 -23.10 4.61 -2.40
CA LYS A 223 -23.37 4.28 -1.01
C LYS A 223 -23.90 2.86 -0.88
N GLN A 224 -24.90 2.52 -1.71
CA GLN A 224 -25.46 1.17 -1.67
C GLN A 224 -24.48 0.13 -2.18
N LYS A 225 -23.62 0.51 -3.13
CA LYS A 225 -22.63 -0.43 -3.64
C LYS A 225 -21.58 -0.76 -2.58
N TYR A 226 -21.14 0.25 -1.83
CA TYR A 226 -20.20 0.01 -0.74
C TYR A 226 -20.83 -0.85 0.35
N GLU A 227 -22.15 -0.74 0.55
CA GLU A 227 -22.80 -1.58 1.55
C GLU A 227 -22.91 -3.02 1.08
N LYS A 228 -23.27 -3.23 -0.19
CA LYS A 228 -23.30 -4.59 -0.74
C LYS A 228 -21.93 -5.24 -0.64
N ILE A 229 -20.87 -4.48 -0.91
CA ILE A 229 -19.51 -5.01 -0.77
C ILE A 229 -19.24 -5.35 0.69
N GLY A 230 -19.57 -4.43 1.60
CA GLY A 230 -19.41 -4.72 3.01
C GLY A 230 -20.27 -5.89 3.47
N ASP A 231 -21.42 -6.09 2.82
CA ASP A 231 -22.29 -7.19 3.21
C ASP A 231 -21.66 -8.54 2.90
N LYS A 232 -21.05 -8.69 1.72
CA LYS A 232 -20.49 -9.98 1.35
C LYS A 232 -19.19 -10.25 2.11
N LYS A 233 -18.46 -9.21 2.52
CA LYS A 233 -17.28 -9.42 3.34
C LYS A 233 -17.64 -10.09 4.65
N ARG A 234 -18.79 -9.76 5.23
CA ARG A 234 -19.23 -10.40 6.47
C ARG A 234 -19.95 -11.72 6.21
N THR A 235 -20.56 -11.87 5.02
CA THR A 235 -21.22 -13.13 4.68
C THR A 235 -20.22 -14.22 4.32
N THR A 236 -19.09 -13.85 3.72
CA THR A 236 -18.12 -14.81 3.21
C THR A 236 -17.15 -15.19 4.33
N PRO A 237 -17.22 -16.40 4.88
CA PRO A 237 -16.24 -16.81 5.89
C PRO A 237 -14.84 -16.87 5.29
N ALA A 238 -13.83 -16.72 6.17
CA ALA A 238 -12.45 -16.70 5.71
C ALA A 238 -12.05 -18.02 5.07
N VAL A 239 -12.69 -19.12 5.46
CA VAL A 239 -12.32 -20.42 4.90
C VAL A 239 -12.80 -20.56 3.46
N THR A 240 -13.93 -19.93 3.12
CA THR A 240 -14.41 -19.99 1.74
C THR A 240 -13.50 -19.19 0.81
N LEU A 241 -12.99 -18.05 1.29
CA LEU A 241 -11.96 -17.33 0.55
C LEU A 241 -10.74 -18.21 0.33
N CYS A 242 -10.36 -18.98 1.36
CA CYS A 242 -9.15 -19.78 1.36
C CYS A 242 -9.36 -21.16 0.74
N ASP A 243 -10.36 -21.32 -0.12
CA ASP A 243 -10.61 -22.60 -0.76
C ASP A 243 -9.45 -22.99 -1.64
N GLY A 244 -8.86 -24.16 -1.37
CA GLY A 244 -7.71 -24.62 -2.12
C GLY A 244 -6.46 -23.79 -1.91
N LEU A 245 -6.36 -23.11 -0.78
CA LEU A 245 -5.24 -22.23 -0.46
C LEU A 245 -4.76 -22.55 0.95
N PRO A 246 -3.51 -22.20 1.27
CA PRO A 246 -2.99 -22.47 2.62
C PRO A 246 -3.80 -21.76 3.69
N GLN A 247 -4.37 -22.55 4.60
CA GLN A 247 -5.32 -22.05 5.60
C GLN A 247 -4.73 -20.96 6.50
N GLN A 248 -3.41 -20.79 6.52
CA GLN A 248 -2.81 -19.72 7.32
C GLN A 248 -3.32 -18.35 6.90
N PHE A 249 -3.72 -18.21 5.63
CA PHE A 249 -4.24 -16.93 5.16
C PHE A 249 -5.64 -16.67 5.68
N ALA A 250 -6.46 -17.72 5.81
CA ALA A 250 -7.76 -17.57 6.48
C ALA A 250 -7.57 -17.33 7.97
N GLU A 251 -6.66 -18.08 8.58
CA GLU A 251 -6.33 -17.88 9.99
C GLU A 251 -5.89 -16.44 10.24
N TYR A 252 -5.10 -15.87 9.33
CA TYR A 252 -4.62 -14.50 9.50
C TYR A 252 -5.77 -13.50 9.44
N LEU A 253 -6.63 -13.61 8.42
CA LEU A 253 -7.72 -12.66 8.27
C LEU A 253 -8.67 -12.71 9.47
N ASP A 254 -8.92 -13.91 10.00
CA ASP A 254 -9.81 -14.03 11.14
C ASP A 254 -9.20 -13.42 12.40
N SER A 255 -7.89 -13.62 12.61
CA SER A 255 -7.27 -13.15 13.83
C SER A 255 -7.18 -11.62 13.86
N VAL A 256 -6.89 -11.00 12.72
CA VAL A 256 -6.83 -9.54 12.69
C VAL A 256 -8.22 -8.92 12.66
N ARG A 257 -9.23 -9.66 12.18
CA ARG A 257 -10.60 -9.17 12.26
C ARG A 257 -11.14 -9.19 13.68
N SER A 258 -10.51 -9.95 14.57
CA SER A 258 -10.96 -10.09 15.95
C SER A 258 -10.17 -9.22 16.92
N LEU A 259 -9.19 -8.46 16.43
CA LEU A 259 -8.37 -7.66 17.31
C LEU A 259 -9.18 -6.54 17.94
N PRO A 260 -9.00 -6.27 19.23
CA PRO A 260 -9.65 -5.11 19.85
C PRO A 260 -9.22 -3.81 19.19
N PHE A 261 -9.95 -2.74 19.51
CA PHE A 261 -9.75 -1.47 18.83
C PHE A 261 -8.35 -0.91 19.09
N ASP A 262 -7.91 -0.94 20.34
CA ASP A 262 -6.63 -0.35 20.70
C ASP A 262 -5.51 -1.38 20.85
N ALA A 263 -5.79 -2.65 20.56
CA ALA A 263 -4.81 -3.69 20.80
C ALA A 263 -3.63 -3.58 19.85
N GLU A 264 -2.43 -3.81 20.37
CA GLU A 264 -1.24 -3.86 19.53
C GLU A 264 -1.14 -5.23 18.86
N PRO A 265 -1.11 -5.29 17.53
CA PRO A 265 -1.15 -6.60 16.87
C PRO A 265 0.14 -7.33 17.03
N PRO A 266 0.12 -8.67 17.09
CA PRO A 266 1.37 -9.46 17.10
C PRO A 266 1.93 -9.65 15.70
N TYR A 267 2.69 -8.65 15.26
CA TYR A 267 3.16 -8.60 13.88
C TYR A 267 4.07 -9.78 13.56
N GLU A 268 5.03 -10.07 14.43
CA GLU A 268 5.93 -11.19 14.18
C GLU A 268 5.19 -12.52 14.22
N GLU A 269 4.13 -12.61 15.03
CA GLU A 269 3.31 -13.83 15.05
C GLU A 269 2.62 -14.03 13.71
N TYR A 270 2.18 -12.95 13.07
CA TYR A 270 1.56 -13.06 11.76
C TYR A 270 2.58 -13.44 10.70
N ARG A 271 3.79 -12.87 10.78
CA ARG A 271 4.83 -13.19 9.80
C ARG A 271 5.24 -14.66 9.89
N MET A 272 5.42 -15.17 11.12
CA MET A 272 5.73 -16.58 11.29
C MET A 272 4.59 -17.46 10.78
N LEU A 273 3.35 -17.01 10.97
CA LEU A 273 2.21 -17.76 10.48
C LEU A 273 2.28 -17.95 8.96
N LEU A 274 2.50 -16.86 8.23
CA LEU A 274 2.59 -16.95 6.78
C LEU A 274 3.86 -17.67 6.33
N LEU A 275 4.95 -17.51 7.08
CA LEU A 275 6.18 -18.22 6.73
C LEU A 275 6.01 -19.73 6.82
N SER A 276 5.19 -20.21 7.76
CA SER A 276 4.99 -21.65 7.90
C SER A 276 4.28 -22.24 6.69
N VAL A 277 3.65 -21.41 5.86
CA VAL A 277 3.12 -21.88 4.58
C VAL A 277 4.25 -22.45 3.72
N LEU A 278 5.36 -21.73 3.65
CA LEU A 278 6.48 -22.16 2.82
C LEU A 278 7.07 -23.48 3.32
N ASP A 279 7.12 -23.66 4.65
CA ASP A 279 7.58 -24.93 5.20
C ASP A 279 6.62 -26.06 4.85
N ASP A 280 5.31 -25.78 4.88
CA ASP A 280 4.32 -26.79 4.54
C ASP A 280 4.44 -27.24 3.09
N LEU A 281 4.81 -26.33 2.19
CA LEU A 281 4.92 -26.63 0.77
C LEU A 281 6.36 -26.88 0.33
N GLY A 282 7.29 -26.98 1.27
CA GLY A 282 8.69 -27.25 0.92
C GLY A 282 9.34 -26.16 0.11
N GLN A 283 8.98 -24.90 0.36
CA GLN A 283 9.58 -23.77 -0.33
C GLN A 283 10.47 -22.98 0.62
N ALA A 284 11.33 -22.15 0.04
CA ALA A 284 12.25 -21.31 0.80
C ALA A 284 11.95 -19.84 0.52
N CYS A 285 12.13 -19.01 1.54
CA CYS A 285 11.95 -17.57 1.42
C CYS A 285 13.26 -16.94 0.93
N ASP A 286 13.53 -17.16 -0.36
CA ASP A 286 14.80 -16.78 -0.96
C ASP A 286 14.76 -15.46 -1.71
N GLY A 287 13.58 -14.90 -1.95
CA GLY A 287 13.44 -13.64 -2.66
C GLY A 287 12.96 -13.76 -4.09
N ASP A 288 12.84 -14.97 -4.62
CA ASP A 288 12.40 -15.14 -6.00
C ASP A 288 10.92 -14.80 -6.12
N MET A 289 10.61 -13.83 -6.98
CA MET A 289 9.24 -13.36 -7.17
C MET A 289 8.80 -13.65 -8.60
N ASP A 290 7.48 -13.76 -8.78
CA ASP A 290 6.92 -14.15 -10.08
C ASP A 290 7.36 -13.18 -11.18
N TRP A 291 7.38 -11.88 -10.89
CA TRP A 291 7.67 -10.91 -11.94
C TRP A 291 9.11 -10.98 -12.41
N MET A 292 10.01 -11.58 -11.63
CA MET A 292 11.39 -11.76 -12.05
C MET A 292 11.55 -12.82 -13.13
N HIS A 293 10.48 -13.48 -13.54
CA HIS A 293 10.51 -14.43 -14.64
C HIS A 293 9.78 -13.93 -15.88
N LEU A 294 9.19 -12.74 -15.82
CA LEU A 294 8.49 -12.19 -16.97
C LEU A 294 9.44 -12.00 -18.14
N ASN A 295 8.85 -12.07 -19.34
CA ASN A 295 9.54 -11.83 -20.60
C ASN A 295 10.78 -12.72 -20.76
N GLY A 296 10.67 -14.02 -20.58
CA GLY A 296 11.86 -14.83 -20.73
C GLY A 296 12.96 -14.70 -19.69
N GLY A 297 12.70 -13.98 -18.61
CA GLY A 297 13.68 -13.81 -17.55
C GLY A 297 14.25 -12.42 -17.47
N ARG A 298 13.89 -11.63 -18.45
CA ARG A 298 14.37 -10.29 -18.53
C ARG A 298 13.79 -9.55 -17.37
N GLY A 299 12.48 -9.47 -17.35
CA GLY A 299 11.78 -8.73 -16.32
C GLY A 299 10.56 -8.13 -16.93
N TRP A 300 10.17 -6.94 -16.51
CA TRP A 300 8.93 -6.34 -16.98
C TRP A 300 9.26 -5.36 -18.09
N ASP A 301 8.48 -5.32 -19.17
CA ASP A 301 8.76 -4.42 -20.29
C ASP A 301 7.80 -3.26 -20.30
N ALA A 302 8.28 -2.07 -20.64
CA ALA A 302 7.45 -0.87 -20.58
C ALA A 302 6.33 -0.84 -21.61
N THR A 303 6.52 -1.34 -22.83
CA THR A 303 5.45 -1.19 -23.81
C THR A 303 4.68 -2.48 -24.07
N ILE A 304 5.26 -3.66 -23.89
CA ILE A 304 4.46 -4.87 -23.98
C ILE A 304 3.57 -5.02 -22.75
N ASN A 305 4.19 -5.09 -21.56
CA ASN A 305 3.44 -5.24 -20.32
C ASN A 305 2.46 -4.08 -20.12
N LYS A 306 2.98 -2.88 -19.88
CA LYS A 306 2.12 -1.71 -19.76
C LYS A 306 1.95 -1.04 -21.12
#